data_1WWP
#
_entry.id   1WWP
#
_cell.length_a   74.380
_cell.length_b   61.420
_cell.length_c   60.780
_cell.angle_alpha   90.00
_cell.angle_beta   122.00
_cell.angle_gamma   90.00
#
_symmetry.space_group_name_H-M   'C 1 2 1'
#
loop_
_entity.id
_entity.type
_entity.pdbx_description
1 polymer 'hypothetical protein TTHA0636'
2 water water
#
_entity_poly.entity_id   1
_entity_poly.type   'polypeptide(L)'
_entity_poly.pdbx_seq_one_letter_code
;(MSE)AEKALATLKELAFLEDPSPVERDAAIQRFEYTFEAFWKALQAYLREKEGLEGASPKGVIRLAREVGLLRDEEARL
ALG(MSE)VDDRSLTVHTYNEPLARAIFRRLPDYARL(MSE)EQVLGRLRR
;
_entity_poly.pdbx_strand_id   A,B
#
# COMPACT_ATOMS: atom_id res chain seq x y z
N ALA A 2 -1.50 14.47 -7.76
CA ALA A 2 -1.24 15.07 -6.46
C ALA A 2 -2.46 15.71 -5.77
N GLU A 3 -2.73 16.97 -6.08
CA GLU A 3 -3.83 17.73 -5.50
C GLU A 3 -5.17 17.01 -5.28
N LYS A 4 -5.71 16.42 -6.35
CA LYS A 4 -6.99 15.72 -6.26
C LYS A 4 -6.91 14.52 -5.33
N ALA A 5 -5.78 13.81 -5.40
CA ALA A 5 -5.58 12.64 -4.54
C ALA A 5 -5.48 13.16 -3.10
N LEU A 6 -4.82 14.29 -2.94
CA LEU A 6 -4.66 14.91 -1.63
C LEU A 6 -6.01 15.28 -1.00
N ALA A 7 -7.02 15.50 -1.83
CA ALA A 7 -8.36 15.88 -1.38
C ALA A 7 -9.09 14.71 -0.73
N THR A 8 -8.93 13.52 -1.30
CA THR A 8 -9.58 12.33 -0.77
C THR A 8 -8.92 11.96 0.56
N LEU A 9 -7.62 12.22 0.67
CA LEU A 9 -6.91 11.93 1.91
C LEU A 9 -7.42 12.82 3.04
N LYS A 10 -7.52 14.12 2.77
CA LYS A 10 -7.97 15.08 3.78
C LYS A 10 -9.36 14.75 4.31
N GLU A 11 -10.18 14.08 3.51
CA GLU A 11 -11.51 13.69 3.93
C GLU A 11 -11.43 12.81 5.18
N LEU A 12 -10.37 12.01 5.29
CA LEU A 12 -10.23 11.09 6.40
C LEU A 12 -9.08 11.38 7.36
N ALA A 13 -8.03 12.02 6.87
CA ALA A 13 -6.85 12.29 7.70
C ALA A 13 -7.12 13.17 8.92
N PHE A 14 -8.19 13.97 8.88
CA PHE A 14 -8.50 14.86 9.99
C PHE A 14 -9.61 14.37 10.89
N LEU A 15 -9.88 13.07 10.83
CA LEU A 15 -10.91 12.47 11.66
C LEU A 15 -10.36 12.25 13.06
N GLU A 16 -11.08 12.77 14.05
CA GLU A 16 -10.68 12.65 15.44
C GLU A 16 -10.64 11.21 15.95
N ASP A 17 -11.73 10.46 15.74
CA ASP A 17 -11.79 9.07 16.19
C ASP A 17 -12.32 8.17 15.06
N PRO A 18 -11.43 7.78 14.12
CA PRO A 18 -11.85 6.95 13.00
C PRO A 18 -12.12 5.51 13.39
N SER A 19 -12.99 4.87 12.61
CA SER A 19 -13.30 3.47 12.81
C SER A 19 -12.15 2.72 12.15
N PRO A 20 -12.04 1.41 12.35
CA PRO A 20 -10.95 0.67 11.70
C PRO A 20 -11.04 0.78 10.17
N VAL A 21 -12.25 0.86 9.63
CA VAL A 21 -12.43 0.98 8.19
C VAL A 21 -11.90 2.31 7.69
N GLU A 22 -12.32 3.40 8.32
CA GLU A 22 -11.87 4.73 7.91
C GLU A 22 -10.36 4.86 7.99
N ARG A 23 -9.78 4.33 9.06
CA ARG A 23 -8.36 4.36 9.28
C ARG A 23 -7.58 3.61 8.16
N ASP A 24 -8.01 2.40 7.84
CA ASP A 24 -7.35 1.62 6.79
C ASP A 24 -7.46 2.39 5.47
N ALA A 25 -8.62 2.99 5.24
CA ALA A 25 -8.86 3.78 4.03
C ALA A 25 -7.95 5.00 3.98
N ALA A 26 -7.72 5.63 5.14
CA ALA A 26 -6.87 6.81 5.19
C ALA A 26 -5.43 6.39 4.86
N ILE A 27 -5.06 5.19 5.27
CA ILE A 27 -3.71 4.70 5.00
C ILE A 27 -3.53 4.43 3.51
N GLN A 28 -4.54 3.85 2.89
CA GLN A 28 -4.52 3.58 1.46
C GLN A 28 -4.39 4.89 0.69
N ARG A 29 -5.17 5.88 1.08
CA ARG A 29 -5.12 7.17 0.38
C ARG A 29 -3.80 7.87 0.59
N PHE A 30 -3.24 7.73 1.77
CA PHE A 30 -1.94 8.32 2.01
C PHE A 30 -0.94 7.70 1.00
N GLU A 31 -1.06 6.40 0.80
CA GLU A 31 -0.16 5.71 -0.12
C GLU A 31 -0.19 6.32 -1.52
N TYR A 32 -1.36 6.35 -2.15
CA TYR A 32 -1.39 6.91 -3.50
C TYR A 32 -1.18 8.41 -3.56
N THR A 33 -1.41 9.11 -2.46
CA THR A 33 -1.17 10.54 -2.45
C THR A 33 0.32 10.79 -2.37
N PHE A 34 1.00 9.95 -1.59
CA PHE A 34 2.45 10.05 -1.44
C PHE A 34 3.14 9.81 -2.78
N GLU A 35 2.75 8.73 -3.44
CA GLU A 35 3.34 8.38 -4.72
C GLU A 35 3.16 9.53 -5.73
N ALA A 36 1.97 10.10 -5.76
CA ALA A 36 1.70 11.20 -6.67
C ALA A 36 2.47 12.43 -6.23
N PHE A 37 2.65 12.56 -4.92
CA PHE A 37 3.38 13.71 -4.41
C PHE A 37 4.87 13.71 -4.77
N TRP A 38 5.60 12.63 -4.51
CA TRP A 38 7.03 12.67 -4.82
C TRP A 38 7.29 12.70 -6.32
N LYS A 39 6.36 12.14 -7.08
CA LYS A 39 6.48 12.16 -8.54
C LYS A 39 6.34 13.58 -9.06
N ALA A 40 5.45 14.36 -8.46
CA ALA A 40 5.27 15.75 -8.92
C ALA A 40 6.53 16.55 -8.57
N LEU A 41 7.09 16.30 -7.40
CA LEU A 41 8.33 16.99 -6.99
C LEU A 41 9.47 16.58 -7.95
N GLN A 42 9.57 15.29 -8.24
CA GLN A 42 10.61 14.78 -9.14
C GLN A 42 10.55 15.49 -10.50
N ALA A 43 9.36 15.56 -11.10
CA ALA A 43 9.15 16.20 -12.40
C ALA A 43 9.45 17.68 -12.32
N TYR A 44 9.06 18.31 -11.22
CA TYR A 44 9.30 19.72 -11.04
C TYR A 44 10.81 20.00 -10.95
N LEU A 45 11.51 19.22 -10.15
CA LEU A 45 12.94 19.41 -9.98
C LEU A 45 13.63 19.20 -11.33
N ARG A 46 13.13 18.25 -12.10
CA ARG A 46 13.70 17.95 -13.40
C ARG A 46 13.51 19.11 -14.38
N GLU A 47 12.27 19.52 -14.57
CA GLU A 47 11.91 20.58 -15.51
C GLU A 47 12.28 22.01 -15.12
N LYS A 48 12.09 22.36 -13.86
CA LYS A 48 12.38 23.72 -13.41
C LYS A 48 13.78 23.94 -12.84
N GLU A 49 14.42 22.91 -12.31
CA GLU A 49 15.76 23.09 -11.71
C GLU A 49 16.89 22.38 -12.48
N GLY A 50 16.54 21.33 -13.22
CA GLY A 50 17.52 20.59 -13.97
C GLY A 50 18.20 19.61 -13.03
N LEU A 51 17.51 19.32 -11.92
CA LEU A 51 18.04 18.38 -10.94
C LEU A 51 17.28 17.07 -11.07
N GLU A 52 18.04 15.97 -11.12
CA GLU A 52 17.44 14.65 -11.27
C GLU A 52 17.53 13.78 -10.00
N GLY A 53 16.37 13.32 -9.53
CA GLY A 53 16.33 12.46 -8.36
C GLY A 53 15.61 11.19 -8.78
N ALA A 54 16.10 10.04 -8.33
CA ALA A 54 15.48 8.77 -8.71
C ALA A 54 14.48 8.23 -7.68
N SER A 55 14.82 8.36 -6.40
CA SER A 55 13.98 7.85 -5.33
C SER A 55 13.30 8.92 -4.48
N PRO A 56 12.26 8.54 -3.74
CA PRO A 56 11.54 9.50 -2.88
C PRO A 56 12.49 10.28 -1.97
N LYS A 57 13.42 9.58 -1.33
CA LYS A 57 14.37 10.25 -0.44
C LYS A 57 15.34 11.19 -1.16
N GLY A 58 15.79 10.77 -2.33
CA GLY A 58 16.70 11.61 -3.09
C GLY A 58 16.01 12.86 -3.57
N VAL A 59 14.77 12.70 -4.00
CA VAL A 59 14.01 13.85 -4.48
C VAL A 59 13.76 14.82 -3.34
N ILE A 60 13.47 14.28 -2.16
CA ILE A 60 13.22 15.16 -1.04
C ILE A 60 14.52 15.96 -0.69
N ARG A 61 15.67 15.28 -0.74
CA ARG A 61 16.95 15.93 -0.45
C ARG A 61 17.22 17.05 -1.44
N LEU A 62 16.89 16.82 -2.72
CA LEU A 62 17.09 17.86 -3.75
C LEU A 62 16.06 18.98 -3.52
N ALA A 63 14.83 18.61 -3.19
CA ALA A 63 13.81 19.63 -2.93
C ALA A 63 14.32 20.54 -1.79
N ARG A 64 14.96 19.93 -0.80
CA ARG A 64 15.49 20.69 0.33
C ARG A 64 16.61 21.63 -0.08
N GLU A 65 17.59 21.12 -0.82
CA GLU A 65 18.69 22.00 -1.22
C GLU A 65 18.24 23.16 -2.11
N VAL A 66 17.22 22.94 -2.92
CA VAL A 66 16.76 23.98 -3.82
C VAL A 66 15.86 24.98 -3.09
N GLY A 67 15.47 24.61 -1.88
CA GLY A 67 14.65 25.48 -1.08
C GLY A 67 13.16 25.19 -1.08
N LEU A 68 12.73 24.23 -1.91
CA LEU A 68 11.32 23.86 -1.98
C LEU A 68 10.83 23.34 -0.65
N LEU A 69 11.75 22.86 0.16
CA LEU A 69 11.43 22.35 1.48
C LEU A 69 12.37 22.93 2.50
N ARG A 70 11.83 23.52 3.56
CA ARG A 70 12.68 24.04 4.60
C ARG A 70 13.20 22.77 5.27
N ASP A 71 14.29 22.88 6.01
CA ASP A 71 14.85 21.69 6.66
C ASP A 71 13.83 20.92 7.47
N GLU A 72 12.99 21.62 8.23
CA GLU A 72 11.97 20.95 9.05
C GLU A 72 10.96 20.20 8.18
N GLU A 73 10.52 20.83 7.09
CA GLU A 73 9.58 20.18 6.19
C GLU A 73 10.26 18.93 5.62
N ALA A 74 11.51 19.11 5.18
CA ALA A 74 12.30 18.00 4.62
C ALA A 74 12.27 16.79 5.54
N ARG A 75 12.64 16.99 6.81
CA ARG A 75 12.64 15.88 7.76
C ARG A 75 11.26 15.25 7.93
N LEU A 76 10.21 16.05 7.96
CA LEU A 76 8.87 15.50 8.10
C LEU A 76 8.60 14.66 6.83
N ALA A 77 9.13 15.11 5.69
CA ALA A 77 8.98 14.41 4.40
C ALA A 77 9.69 13.06 4.43
N LEU A 78 10.91 13.04 4.94
CA LEU A 78 11.69 11.81 5.03
C LEU A 78 11.01 10.82 5.97
N GLY A 79 10.28 11.36 6.95
CA GLY A 79 9.58 10.47 7.87
C GLY A 79 8.41 9.88 7.12
N VAL A 81 8.41 9.08 3.99
CA VAL A 81 8.89 7.96 3.18
C VAL A 81 9.01 6.71 4.06
N ASP A 82 9.52 6.84 5.27
CA ASP A 82 9.63 5.67 6.14
C ASP A 82 8.24 5.11 6.53
N ASP A 83 7.28 5.98 6.81
CA ASP A 83 5.94 5.51 7.14
C ASP A 83 5.32 4.80 5.93
N ARG A 84 5.71 5.25 4.75
CA ARG A 84 5.22 4.65 3.51
C ARG A 84 5.71 3.20 3.45
N SER A 85 6.91 2.93 3.97
CA SER A 85 7.42 1.57 3.94
C SER A 85 6.76 0.71 5.00
N LEU A 86 6.03 1.33 5.94
CA LEU A 86 5.36 0.55 6.98
C LEU A 86 3.86 0.29 6.75
N THR A 87 3.26 0.95 5.77
CA THR A 87 1.83 0.79 5.53
C THR A 87 1.38 -0.63 5.26
N VAL A 88 2.27 -1.45 4.70
CA VAL A 88 1.95 -2.83 4.42
C VAL A 88 1.95 -3.73 5.67
N HIS A 89 2.35 -3.18 6.80
CA HIS A 89 2.35 -3.95 8.05
C HIS A 89 1.34 -3.34 9.03
N THR A 90 0.39 -2.57 8.50
CA THR A 90 -0.59 -1.92 9.36
C THR A 90 -1.74 -2.83 9.74
N TYR A 91 -1.46 -4.13 9.76
CA TYR A 91 -2.49 -5.05 10.19
C TYR A 91 -2.52 -4.90 11.72
N ASN A 92 -1.43 -4.37 12.28
CA ASN A 92 -1.33 -4.16 13.72
C ASN A 92 -1.94 -2.83 14.10
N GLU A 93 -2.99 -2.87 14.91
CA GLU A 93 -3.66 -1.64 15.35
C GLU A 93 -2.66 -0.60 15.83
N PRO A 94 -1.64 -1.03 16.59
CA PRO A 94 -0.66 -0.06 17.07
C PRO A 94 -0.12 0.76 15.91
N LEU A 95 0.61 0.11 15.01
CA LEU A 95 1.19 0.76 13.85
C LEU A 95 0.14 1.61 13.14
N ALA A 96 -0.91 0.96 12.68
CA ALA A 96 -2.01 1.62 11.98
C ALA A 96 -2.46 2.91 12.67
N ARG A 97 -2.67 2.85 13.99
CA ARG A 97 -3.07 4.03 14.76
C ARG A 97 -1.94 5.04 14.78
N ALA A 98 -0.70 4.55 14.90
CA ALA A 98 0.48 5.42 14.93
C ALA A 98 0.69 6.12 13.57
N ILE A 99 0.44 5.42 12.47
CA ILE A 99 0.58 6.05 11.15
C ILE A 99 -0.52 7.11 11.02
N PHE A 100 -1.74 6.73 11.39
CA PHE A 100 -2.87 7.65 11.29
C PHE A 100 -2.64 8.95 12.04
N ARG A 101 -1.93 8.88 13.17
CA ARG A 101 -1.66 10.08 13.97
C ARG A 101 -0.76 11.07 13.23
N ARG A 102 0.01 10.58 12.27
CA ARG A 102 0.89 11.45 11.53
C ARG A 102 0.26 12.01 10.26
N LEU A 103 -0.78 11.36 9.76
CA LEU A 103 -1.40 11.83 8.52
C LEU A 103 -1.76 13.31 8.46
N PRO A 104 -2.27 13.87 9.57
CA PRO A 104 -2.63 15.29 9.58
C PRO A 104 -1.50 16.17 9.04
N ASP A 105 -0.32 16.02 9.63
CA ASP A 105 0.85 16.79 9.22
C ASP A 105 1.26 16.50 7.78
N TYR A 106 1.25 15.23 7.40
CA TYR A 106 1.64 14.87 6.03
C TYR A 106 0.71 15.57 5.05
N ALA A 107 -0.59 15.52 5.34
CA ALA A 107 -1.59 16.14 4.48
C ALA A 107 -1.30 17.62 4.32
N ARG A 108 -1.03 18.32 5.42
CA ARG A 108 -0.75 19.75 5.35
C ARG A 108 0.54 20.03 4.58
N LEU A 109 1.61 19.30 4.93
CA LEU A 109 2.90 19.47 4.25
C LEU A 109 2.75 19.35 2.74
N GLU A 111 0.04 19.59 0.90
CA GLU A 111 -0.83 20.62 0.37
C GLU A 111 -0.04 21.91 0.16
N GLN A 112 0.79 22.24 1.14
CA GLN A 112 1.60 23.44 1.09
C GLN A 112 2.71 23.37 0.05
N VAL A 113 3.34 22.21 -0.06
CA VAL A 113 4.42 22.09 -1.04
C VAL A 113 3.85 22.16 -2.44
N LEU A 114 2.78 21.41 -2.69
CA LEU A 114 2.18 21.43 -4.03
C LEU A 114 1.84 22.85 -4.44
N GLY A 115 1.35 23.63 -3.48
CA GLY A 115 1.01 25.01 -3.75
C GLY A 115 2.19 25.76 -4.38
N ARG A 116 3.30 25.82 -3.66
CA ARG A 116 4.49 26.50 -4.15
C ARG A 116 4.91 26.02 -5.55
N LEU A 117 4.62 24.77 -5.88
CA LEU A 117 5.02 24.23 -7.16
C LEU A 117 4.31 24.82 -8.39
N ARG A 118 3.43 25.79 -8.16
CA ARG A 118 2.67 26.42 -9.24
C ARG A 118 3.49 27.17 -10.29
N ARG A 119 4.78 26.86 -10.38
CA ARG A 119 5.73 27.47 -11.32
C ARG A 119 6.89 28.14 -10.60
N ALA B 2 -1.43 -14.50 9.53
CA ALA B 2 -1.79 -14.29 8.14
C ALA B 2 -3.29 -14.60 8.06
N GLU B 3 -3.74 -15.53 8.90
CA GLU B 3 -5.14 -15.91 8.95
C GLU B 3 -5.93 -14.78 9.63
N LYS B 4 -5.27 -14.07 10.55
CA LYS B 4 -5.95 -12.98 11.22
C LYS B 4 -5.99 -11.76 10.33
N ALA B 5 -4.96 -11.55 9.53
CA ALA B 5 -4.97 -10.43 8.61
C ALA B 5 -6.09 -10.75 7.62
N LEU B 6 -6.07 -11.98 7.10
CA LEU B 6 -7.04 -12.41 6.12
C LEU B 6 -8.46 -12.30 6.66
N ALA B 7 -8.62 -12.52 7.96
CA ALA B 7 -9.95 -12.40 8.58
C ALA B 7 -10.50 -10.99 8.39
N THR B 8 -9.66 -9.98 8.59
CA THR B 8 -10.15 -8.60 8.44
C THR B 8 -10.41 -8.22 6.98
N LEU B 9 -9.74 -8.89 6.04
CA LEU B 9 -9.97 -8.62 4.62
C LEU B 9 -11.34 -9.19 4.28
N LYS B 10 -11.64 -10.37 4.80
CA LYS B 10 -12.94 -11.00 4.49
C LYS B 10 -14.14 -10.14 4.96
N GLU B 11 -13.92 -9.33 5.99
CA GLU B 11 -14.99 -8.46 6.49
C GLU B 11 -15.44 -7.46 5.42
N LEU B 12 -14.55 -7.16 4.48
CA LEU B 12 -14.86 -6.20 3.43
C LEU B 12 -14.86 -6.69 1.99
N ALA B 13 -14.12 -7.75 1.72
CA ALA B 13 -14.00 -8.29 0.37
C ALA B 13 -15.30 -8.65 -0.34
N PHE B 14 -16.27 -9.17 0.39
CA PHE B 14 -17.52 -9.62 -0.18
C PHE B 14 -18.69 -8.62 -0.25
N LEU B 15 -18.40 -7.33 -0.05
CA LEU B 15 -19.44 -6.30 -0.12
C LEU B 15 -19.86 -6.06 -1.57
N GLU B 16 -21.15 -6.10 -1.82
CA GLU B 16 -21.68 -5.91 -3.16
C GLU B 16 -21.53 -4.45 -3.61
N ASP B 17 -21.78 -3.51 -2.70
CA ASP B 17 -21.65 -2.10 -3.04
C ASP B 17 -20.98 -1.33 -1.91
N PRO B 18 -19.65 -1.38 -1.83
CA PRO B 18 -18.94 -0.66 -0.76
C PRO B 18 -18.96 0.83 -0.97
N SER B 19 -18.86 1.57 0.12
CA SER B 19 -18.80 3.01 0.02
C SER B 19 -17.36 3.21 -0.44
N PRO B 20 -17.00 4.43 -0.87
CA PRO B 20 -15.63 4.69 -1.32
C PRO B 20 -14.61 4.43 -0.19
N VAL B 21 -15.02 4.64 1.06
CA VAL B 21 -14.14 4.40 2.20
C VAL B 21 -13.98 2.91 2.44
N GLU B 22 -15.06 2.16 2.26
CA GLU B 22 -15.03 0.72 2.44
C GLU B 22 -14.17 0.07 1.33
N ARG B 23 -14.21 0.62 0.12
CA ARG B 23 -13.44 0.05 -1.00
C ARG B 23 -11.93 0.29 -0.85
N ASP B 24 -11.55 1.50 -0.43
CA ASP B 24 -10.15 1.82 -0.22
C ASP B 24 -9.63 1.01 0.96
N ALA B 25 -10.46 0.80 1.98
CA ALA B 25 -10.04 0.02 3.13
C ALA B 25 -9.83 -1.46 2.74
N ALA B 26 -10.68 -1.96 1.86
CA ALA B 26 -10.59 -3.35 1.42
C ALA B 26 -9.31 -3.53 0.61
N ILE B 27 -8.92 -2.51 -0.15
CA ILE B 27 -7.71 -2.62 -0.93
C ILE B 27 -6.50 -2.58 -0.01
N GLN B 28 -6.57 -1.75 1.03
CA GLN B 28 -5.45 -1.67 2.00
C GLN B 28 -5.27 -3.03 2.70
N ARG B 29 -6.36 -3.67 3.09
CA ARG B 29 -6.31 -4.95 3.77
C ARG B 29 -5.85 -6.10 2.86
N PHE B 30 -6.07 -5.93 1.57
CA PHE B 30 -5.63 -6.93 0.61
C PHE B 30 -4.09 -6.83 0.61
N GLU B 31 -3.56 -5.60 0.56
CA GLU B 31 -2.12 -5.37 0.56
C GLU B 31 -1.44 -5.95 1.78
N TYR B 32 -1.92 -5.65 2.98
CA TYR B 32 -1.25 -6.22 4.13
C TYR B 32 -1.56 -7.68 4.35
N THR B 33 -2.62 -8.20 3.74
CA THR B 33 -2.91 -9.61 3.87
C THR B 33 -2.02 -10.41 2.89
N PHE B 34 -1.82 -9.90 1.69
CA PHE B 34 -0.97 -10.59 0.73
C PHE B 34 0.47 -10.61 1.24
N GLU B 35 0.92 -9.49 1.80
CA GLU B 35 2.26 -9.43 2.36
C GLU B 35 2.39 -10.56 3.38
N ALA B 36 1.43 -10.66 4.30
CA ALA B 36 1.45 -11.71 5.32
C ALA B 36 1.36 -13.09 4.69
N PHE B 37 0.58 -13.19 3.60
CA PHE B 37 0.36 -14.44 2.92
C PHE B 37 1.64 -14.97 2.23
N TRP B 38 2.29 -14.18 1.39
CA TRP B 38 3.47 -14.77 0.74
C TRP B 38 4.59 -15.02 1.74
N LYS B 39 4.69 -14.20 2.79
CA LYS B 39 5.71 -14.44 3.80
C LYS B 39 5.50 -15.76 4.52
N ALA B 40 4.24 -16.10 4.81
CA ALA B 40 3.92 -17.36 5.47
C ALA B 40 4.26 -18.53 4.56
N LEU B 41 3.98 -18.36 3.28
CA LEU B 41 4.25 -19.39 2.27
C LEU B 41 5.77 -19.57 2.21
N GLN B 42 6.49 -18.46 2.15
CA GLN B 42 7.94 -18.45 2.13
C GLN B 42 8.51 -19.19 3.34
N ALA B 43 8.03 -18.85 4.54
CA ALA B 43 8.52 -19.52 5.75
C ALA B 43 8.24 -21.02 5.67
N TYR B 44 7.03 -21.37 5.28
CA TYR B 44 6.64 -22.76 5.19
C TYR B 44 7.49 -23.58 4.21
N LEU B 45 7.83 -22.98 3.08
CA LEU B 45 8.63 -23.68 2.08
C LEU B 45 10.06 -23.89 2.58
N ARG B 46 10.58 -22.86 3.25
CA ARG B 46 11.90 -22.91 3.81
C ARG B 46 12.02 -24.01 4.86
N GLU B 47 11.10 -24.01 5.81
CA GLU B 47 11.11 -24.98 6.90
C GLU B 47 10.61 -26.38 6.56
N LYS B 48 9.60 -26.50 5.71
CA LYS B 48 9.05 -27.80 5.40
C LYS B 48 9.43 -28.45 4.07
N GLU B 49 10.03 -27.70 3.16
CA GLU B 49 10.42 -28.27 1.87
C GLU B 49 11.86 -27.95 1.48
N GLY B 50 12.62 -27.37 2.41
CA GLY B 50 13.99 -27.02 2.11
C GLY B 50 14.15 -26.13 0.89
N LEU B 51 13.15 -25.30 0.61
CA LEU B 51 13.20 -24.40 -0.52
C LEU B 51 13.17 -22.92 -0.12
N GLU B 52 14.27 -22.20 -0.34
CA GLU B 52 14.38 -20.78 0.00
C GLU B 52 14.02 -19.85 -1.15
N GLY B 53 12.82 -19.27 -1.10
CA GLY B 53 12.39 -18.34 -2.13
C GLY B 53 12.65 -16.94 -1.62
N ALA B 54 12.93 -16.00 -2.51
CA ALA B 54 13.26 -14.65 -2.10
C ALA B 54 12.36 -13.55 -2.65
N SER B 55 11.33 -13.91 -3.41
CA SER B 55 10.44 -12.90 -3.98
C SER B 55 9.05 -13.46 -3.94
N PRO B 56 8.02 -12.59 -4.00
CA PRO B 56 6.65 -13.07 -3.97
C PRO B 56 6.34 -14.05 -5.13
N LYS B 57 6.77 -13.70 -6.34
CA LYS B 57 6.52 -14.57 -7.48
C LYS B 57 7.40 -15.80 -7.42
N GLY B 58 8.60 -15.63 -6.88
CA GLY B 58 9.51 -16.76 -6.76
C GLY B 58 8.91 -17.75 -5.79
N VAL B 59 8.34 -17.24 -4.70
CA VAL B 59 7.75 -18.12 -3.70
C VAL B 59 6.48 -18.80 -4.26
N ILE B 60 5.71 -18.09 -5.07
CA ILE B 60 4.49 -18.68 -5.62
C ILE B 60 4.86 -19.83 -6.61
N ARG B 61 5.81 -19.59 -7.50
CA ARG B 61 6.22 -20.68 -8.43
C ARG B 61 6.69 -21.91 -7.65
N LEU B 62 7.51 -21.72 -6.62
CA LEU B 62 7.98 -22.84 -5.81
C LEU B 62 6.85 -23.59 -5.15
N ALA B 63 5.84 -22.85 -4.67
CA ALA B 63 4.71 -23.51 -4.04
C ALA B 63 3.96 -24.36 -5.05
N ARG B 64 3.91 -23.90 -6.29
CA ARG B 64 3.23 -24.62 -7.36
C ARG B 64 4.00 -25.90 -7.62
N GLU B 65 5.30 -25.76 -7.83
CA GLU B 65 6.19 -26.88 -8.11
C GLU B 65 6.28 -27.88 -6.96
N VAL B 66 5.65 -27.57 -5.83
CA VAL B 66 5.68 -28.45 -4.67
C VAL B 66 4.29 -29.03 -4.40
N GLY B 67 3.31 -28.61 -5.18
CA GLY B 67 1.97 -29.14 -5.01
C GLY B 67 1.04 -28.36 -4.11
N LEU B 68 1.51 -27.27 -3.51
CA LEU B 68 0.66 -26.46 -2.64
C LEU B 68 -0.40 -25.71 -3.44
N LEU B 69 -0.04 -25.34 -4.66
CA LEU B 69 -0.94 -24.61 -5.55
C LEU B 69 -1.16 -25.34 -6.87
N ARG B 70 -2.42 -25.53 -7.24
CA ARG B 70 -2.73 -26.14 -8.53
C ARG B 70 -2.33 -25.08 -9.54
N ASP B 71 -2.18 -25.45 -10.80
CA ASP B 71 -1.77 -24.50 -11.80
C ASP B 71 -2.69 -23.28 -11.93
N GLU B 72 -3.98 -23.49 -11.69
CA GLU B 72 -4.95 -22.40 -11.77
C GLU B 72 -4.73 -21.41 -10.63
N GLU B 73 -4.63 -21.93 -9.41
CA GLU B 73 -4.41 -21.10 -8.25
C GLU B 73 -3.13 -20.28 -8.39
N ALA B 74 -2.07 -20.90 -8.91
CA ALA B 74 -0.81 -20.21 -9.10
C ALA B 74 -0.94 -19.04 -10.03
N ARG B 75 -1.72 -19.20 -11.10
CA ARG B 75 -1.89 -18.08 -12.00
C ARG B 75 -2.63 -16.93 -11.29
N LEU B 76 -3.58 -17.28 -10.44
CA LEU B 76 -4.36 -16.23 -9.73
C LEU B 76 -3.37 -15.54 -8.79
N ALA B 77 -2.65 -16.33 -8.01
CA ALA B 77 -1.68 -15.79 -7.05
C ALA B 77 -0.73 -14.81 -7.73
N LEU B 78 -0.25 -15.13 -8.92
CA LEU B 78 0.69 -14.24 -9.62
C LEU B 78 0.00 -12.94 -9.97
N GLY B 79 -1.28 -13.02 -10.30
CA GLY B 79 -2.03 -11.80 -10.61
C GLY B 79 -2.15 -10.95 -9.34
N VAL B 81 0.06 -10.58 -7.14
CA VAL B 81 1.32 -9.87 -7.02
C VAL B 81 1.33 -8.58 -7.82
N ASP B 82 0.80 -8.65 -9.04
CA ASP B 82 0.76 -7.49 -9.90
C ASP B 82 -0.19 -6.43 -9.35
N ASP B 83 -1.31 -6.88 -8.78
CA ASP B 83 -2.32 -5.97 -8.22
C ASP B 83 -1.83 -5.28 -6.94
N ARG B 84 -1.19 -6.04 -6.07
CA ARG B 84 -0.69 -5.49 -4.81
C ARG B 84 0.25 -4.33 -5.03
N SER B 85 0.76 -4.22 -6.26
CA SER B 85 1.66 -3.12 -6.60
C SER B 85 0.96 -2.01 -7.37
N LEU B 86 -0.12 -2.34 -8.08
CA LEU B 86 -0.87 -1.32 -8.82
C LEU B 86 -1.70 -0.58 -7.79
N THR B 87 -1.73 -1.12 -6.58
CA THR B 87 -2.45 -0.53 -5.47
C THR B 87 -1.75 0.76 -5.07
N VAL B 88 -0.82 1.21 -5.91
CA VAL B 88 -0.09 2.44 -5.66
C VAL B 88 -0.92 3.65 -6.10
N HIS B 89 -0.98 3.92 -7.41
CA HIS B 89 -1.76 5.04 -7.94
C HIS B 89 -3.24 4.64 -8.04
N THR B 90 -3.77 4.19 -6.91
CA THR B 90 -5.15 3.70 -6.86
C THR B 90 -6.31 4.67 -6.95
N TYR B 91 -6.12 5.98 -6.82
CA TYR B 91 -7.30 6.82 -6.96
C TYR B 91 -7.69 6.83 -8.43
N ASN B 92 -7.35 5.74 -9.11
CA ASN B 92 -7.68 5.53 -10.49
C ASN B 92 -8.92 4.67 -10.38
N GLU B 93 -10.04 5.31 -10.03
CA GLU B 93 -11.30 4.60 -9.86
C GLU B 93 -11.42 3.31 -10.65
N PRO B 94 -11.15 3.36 -11.96
CA PRO B 94 -11.23 2.14 -12.76
C PRO B 94 -10.42 1.01 -12.14
N LEU B 95 -9.17 1.32 -11.80
CA LEU B 95 -8.25 0.35 -11.20
C LEU B 95 -8.67 -0.13 -9.82
N ALA B 96 -8.93 0.81 -8.92
CA ALA B 96 -9.36 0.43 -7.58
C ALA B 96 -10.56 -0.50 -7.70
N ARG B 97 -11.50 -0.12 -8.57
CA ARG B 97 -12.70 -0.91 -8.77
C ARG B 97 -12.42 -2.29 -9.35
N ALA B 98 -11.46 -2.36 -10.28
CA ALA B 98 -11.10 -3.64 -10.88
C ALA B 98 -10.43 -4.56 -9.85
N ILE B 99 -9.69 -3.98 -8.91
CA ILE B 99 -9.02 -4.79 -7.89
C ILE B 99 -10.08 -5.28 -6.90
N PHE B 100 -10.95 -4.36 -6.47
CA PHE B 100 -11.99 -4.72 -5.53
C PHE B 100 -12.78 -5.89 -6.06
N ARG B 101 -13.09 -5.86 -7.36
CA ARG B 101 -13.87 -6.93 -8.00
C ARG B 101 -13.17 -8.29 -7.89
N ARG B 102 -11.85 -8.27 -7.78
CA ARG B 102 -11.12 -9.54 -7.65
C ARG B 102 -10.91 -9.97 -6.20
N LEU B 103 -11.19 -9.11 -5.23
CA LEU B 103 -10.95 -9.49 -3.83
C LEU B 103 -11.66 -10.77 -3.39
N PRO B 104 -12.91 -11.00 -3.82
CA PRO B 104 -13.56 -12.23 -3.37
C PRO B 104 -12.73 -13.50 -3.75
N ASP B 105 -12.21 -13.56 -4.97
CA ASP B 105 -11.40 -14.72 -5.37
C ASP B 105 -10.04 -14.73 -4.63
N TYR B 106 -9.40 -13.57 -4.51
CA TYR B 106 -8.13 -13.52 -3.80
C TYR B 106 -8.32 -14.03 -2.38
N ALA B 107 -9.31 -13.48 -1.68
CA ALA B 107 -9.59 -13.90 -0.30
C ALA B 107 -9.85 -15.39 -0.21
N ARG B 108 -10.65 -15.94 -1.12
CA ARG B 108 -10.94 -17.38 -1.08
C ARG B 108 -9.69 -18.22 -1.40
N LEU B 109 -8.87 -17.76 -2.35
CA LEU B 109 -7.64 -18.49 -2.67
C LEU B 109 -6.71 -18.59 -1.45
N GLU B 111 -7.37 -18.24 1.70
CA GLU B 111 -7.98 -19.04 2.77
C GLU B 111 -7.67 -20.53 2.48
N GLN B 112 -7.91 -20.95 1.23
CA GLN B 112 -7.64 -22.32 0.87
C GLN B 112 -6.17 -22.67 1.08
N VAL B 113 -5.27 -21.93 0.44
CA VAL B 113 -3.85 -22.21 0.55
C VAL B 113 -3.36 -22.27 1.99
N LEU B 114 -3.67 -21.25 2.78
CA LEU B 114 -3.25 -21.23 4.18
C LEU B 114 -3.79 -22.46 4.88
N GLY B 115 -4.94 -22.94 4.45
CA GLY B 115 -5.54 -24.10 5.09
C GLY B 115 -4.74 -25.37 4.84
N ARG B 116 -3.94 -25.36 3.79
CA ARG B 116 -3.12 -26.50 3.41
C ARG B 116 -1.76 -26.46 4.07
N LEU B 117 -1.38 -25.30 4.57
CA LEU B 117 -0.09 -25.14 5.23
C LEU B 117 -0.17 -25.67 6.64
N ARG B 118 -1.36 -26.12 7.04
CA ARG B 118 -1.59 -26.63 8.38
C ARG B 118 -2.13 -28.06 8.40
N ARG B 119 -3.34 -28.23 7.87
CA ARG B 119 -4.02 -29.52 7.83
C ARG B 119 -3.24 -30.63 7.13
#